data_6OD0
#
_entry.id   6OD0
#
_cell.length_a   34.858
_cell.length_b   85.966
_cell.length_c   67.287
_cell.angle_alpha   90.00
_cell.angle_beta   91.91
_cell.angle_gamma   90.00
#
_symmetry.space_group_name_H-M   'P 1 21 1'
#
loop_
_entity.id
_entity.type
_entity.pdbx_description
1 polymer 'Calcium and integrin-binding protein 1'
2 polymer 'Peptide inhibitor UNC10245092'
3 non-polymer 'CALCIUM ION'
4 water water
#
loop_
_entity_poly.entity_id
_entity_poly.type
_entity_poly.pdbx_seq_one_letter_code
_entity_poly.pdbx_strand_id
1 'polypeptide(L)'
;MGGSGSRLSKELLAEYQDLTFLTKQEILLAHRRFCELLPQEQRSVESSLRAQVPFEQILSLPELKANPFKERICRVFSTS
PAKDSLSFEDFLDLLSVFSDTATPDIKSHYAFRIFDFDDDGTLNREDLSRLVNCLTGEGEDTRLSASEMKQLIDNILEES
DIDRDGTINLSEFQHVISRSPDFASSFKIVL
;
A,B
2 'polypeptide(L)' SFWYGAMKALYG D,E
#
# COMPACT_ATOMS: atom_id res chain seq x y z
N PHE A 21 -6.65 4.56 -6.31
CA PHE A 21 -5.53 4.53 -5.36
C PHE A 21 -5.86 3.99 -3.97
N LEU A 22 -7.16 3.90 -3.67
CA LEU A 22 -7.58 3.37 -2.38
C LEU A 22 -8.46 2.18 -2.58
N THR A 23 -8.27 1.17 -1.74
CA THR A 23 -9.13 0.00 -1.77
C THR A 23 -10.44 0.36 -1.09
N LYS A 24 -11.44 -0.53 -1.21
CA LYS A 24 -12.72 -0.35 -0.56
C LYS A 24 -12.53 -0.36 0.97
N GLN A 25 -11.64 -1.24 1.48
CA GLN A 25 -11.38 -1.29 2.94
C GLN A 25 -10.81 0.04 3.44
N GLU A 26 -9.92 0.64 2.65
CA GLU A 26 -9.35 1.93 2.98
C GLU A 26 -10.41 3.04 2.97
N ILE A 27 -11.33 3.01 2.00
CA ILE A 27 -12.38 4.03 1.92
C ILE A 27 -13.33 3.92 3.10
N LEU A 28 -13.75 2.69 3.45
CA LEU A 28 -14.67 2.45 4.56
C LEU A 28 -14.03 2.79 5.90
N LEU A 29 -12.74 2.50 6.04
CA LEU A 29 -12.00 2.85 7.25
C LEU A 29 -11.87 4.36 7.34
N ALA A 30 -11.64 5.02 6.20
CA ALA A 30 -11.50 6.48 6.17
C ALA A 30 -12.79 7.14 6.63
N HIS A 31 -13.96 6.60 6.21
CA HIS A 31 -15.23 7.18 6.61
C HIS A 31 -15.47 7.03 8.10
N ARG A 32 -15.10 5.88 8.68
CA ARG A 32 -15.25 5.71 10.11
C ARG A 32 -14.37 6.70 10.88
N ARG A 33 -13.11 6.90 10.45
CA ARG A 33 -12.21 7.82 11.12
C ARG A 33 -12.69 9.27 10.98
N PHE A 34 -13.15 9.62 9.77
CA PHE A 34 -13.67 10.95 9.49
C PHE A 34 -14.86 11.29 10.42
N CYS A 35 -15.80 10.36 10.57
CA CYS A 35 -16.98 10.49 11.41
C CYS A 35 -16.64 10.71 12.88
N GLU A 36 -15.54 10.13 13.37
CA GLU A 36 -15.08 10.33 14.75
C GLU A 36 -14.67 11.80 15.00
N LEU A 37 -14.43 12.56 13.94
CA LEU A 37 -14.08 13.98 14.03
C LEU A 37 -15.30 14.87 14.07
N LEU A 38 -16.47 14.33 13.78
CA LEU A 38 -17.70 15.13 13.75
C LEU A 38 -18.45 15.12 15.03
N PRO A 39 -19.18 16.20 15.35
CA PRO A 39 -20.11 16.16 16.49
C PRO A 39 -21.12 15.02 16.29
N GLN A 40 -21.56 14.39 17.38
CA GLN A 40 -22.51 13.27 17.34
C GLN A 40 -23.70 13.48 16.41
N GLU A 41 -24.24 14.71 16.37
CA GLU A 41 -25.39 15.10 15.56
C GLU A 41 -25.11 15.09 14.06
N GLN A 42 -23.84 15.07 13.65
CA GLN A 42 -23.49 15.07 12.22
C GLN A 42 -22.91 13.74 11.75
N ARG A 43 -23.11 12.66 12.50
CA ARG A 43 -22.51 11.37 12.17
C ARG A 43 -23.36 10.46 11.28
N SER A 44 -24.56 10.90 10.85
CA SER A 44 -25.32 10.10 9.90
C SER A 44 -24.55 10.21 8.57
N VAL A 45 -24.76 9.25 7.67
CA VAL A 45 -24.05 9.24 6.40
C VAL A 45 -24.23 10.54 5.61
N GLU A 46 -25.48 10.97 5.43
CA GLU A 46 -25.79 12.20 4.68
C GLU A 46 -25.15 13.43 5.29
N SER A 47 -25.25 13.58 6.62
CA SER A 47 -24.60 14.71 7.30
C SER A 47 -23.08 14.65 7.10
N SER A 48 -22.49 13.46 7.27
CA SER A 48 -21.05 13.29 7.13
C SER A 48 -20.54 13.62 5.74
N LEU A 49 -21.35 13.38 4.71
CA LEU A 49 -20.93 13.68 3.34
C LEU A 49 -21.12 15.14 2.98
N ARG A 50 -21.82 15.90 3.83
CA ARG A 50 -21.97 17.35 3.66
C ARG A 50 -20.98 18.11 4.57
N ALA A 51 -20.44 17.45 5.61
CA ALA A 51 -19.60 18.08 6.64
C ALA A 51 -18.27 18.61 6.14
N GLN A 52 -17.84 19.70 6.77
CA GLN A 52 -16.55 20.34 6.54
C GLN A 52 -15.81 20.33 7.87
N VAL A 53 -14.71 19.57 7.94
CA VAL A 53 -13.93 19.47 9.16
C VAL A 53 -12.85 20.56 9.15
N PRO A 54 -12.83 21.47 10.16
CA PRO A 54 -11.76 22.49 10.21
C PRO A 54 -10.37 21.89 10.29
N PHE A 55 -9.38 22.64 9.87
CA PHE A 55 -8.00 22.12 9.86
C PHE A 55 -7.51 21.69 11.22
N GLU A 56 -7.91 22.40 12.29
CA GLU A 56 -7.46 22.09 13.66
C GLU A 56 -7.65 20.65 14.03
N GLN A 57 -8.78 20.06 13.63
CA GLN A 57 -9.03 18.65 13.89
C GLN A 57 -8.25 17.74 12.96
N ILE A 58 -8.04 18.17 11.72
CA ILE A 58 -7.26 17.39 10.76
C ILE A 58 -5.77 17.34 11.13
N LEU A 59 -5.22 18.48 11.56
CA LEU A 59 -3.81 18.59 11.92
C LEU A 59 -3.40 17.74 13.13
N SER A 60 -4.37 17.16 13.86
CA SER A 60 -4.08 16.30 15.01
C SER A 60 -4.13 14.83 14.68
N LEU A 61 -4.49 14.47 13.46
CA LEU A 61 -4.54 13.08 13.04
C LEU A 61 -3.15 12.49 12.98
N PRO A 62 -2.97 11.20 13.36
CA PRO A 62 -1.63 10.59 13.33
C PRO A 62 -0.93 10.65 11.97
N GLU A 63 -1.69 10.56 10.87
CA GLU A 63 -1.15 10.65 9.51
C GLU A 63 -0.55 12.01 9.21
N LEU A 64 -1.04 13.07 9.88
CA LEU A 64 -0.55 14.42 9.62
C LEU A 64 0.25 15.07 10.73
N LYS A 65 -0.03 14.78 11.99
CA LYS A 65 0.52 15.50 13.14
C LYS A 65 2.04 15.64 13.11
N ALA A 66 2.76 14.63 12.61
CA ALA A 66 4.20 14.70 12.57
C ALA A 66 4.76 15.19 11.23
N ASN A 67 3.88 15.57 10.31
CA ASN A 67 4.33 16.04 9.01
C ASN A 67 4.70 17.53 9.00
N PRO A 68 5.94 17.90 8.60
CA PRO A 68 6.34 19.33 8.58
C PRO A 68 5.50 20.23 7.68
N PHE A 69 4.86 19.66 6.66
CA PHE A 69 4.06 20.44 5.73
C PHE A 69 2.57 20.28 5.98
N LYS A 70 2.16 19.78 7.13
CA LYS A 70 0.74 19.51 7.41
C LYS A 70 -0.18 20.67 7.07
N GLU A 71 0.24 21.89 7.41
CA GLU A 71 -0.55 23.09 7.13
C GLU A 71 -0.69 23.33 5.64
N ARG A 72 0.39 23.10 4.85
CA ARG A 72 0.31 23.23 3.41
C ARG A 72 -0.47 22.08 2.80
N ILE A 73 -0.42 20.91 3.43
CA ILE A 73 -1.16 19.76 2.90
C ILE A 73 -2.67 19.98 2.97
N CYS A 74 -3.15 20.54 4.08
CA CYS A 74 -4.58 20.86 4.29
C CYS A 74 -5.09 21.83 3.26
N ARG A 75 -4.34 22.89 3.07
CA ARG A 75 -4.66 23.92 2.11
C ARG A 75 -4.81 23.34 0.70
N VAL A 76 -3.86 22.52 0.27
CA VAL A 76 -3.81 21.99 -1.08
C VAL A 76 -4.99 21.04 -1.37
N PHE A 77 -5.43 20.30 -0.37
CA PHE A 77 -6.50 19.32 -0.56
C PHE A 77 -7.87 19.85 -0.27
N SER A 78 -7.98 21.07 0.25
CA SER A 78 -9.29 21.67 0.52
C SER A 78 -9.98 22.09 -0.79
N THR A 79 -11.27 21.80 -0.91
CA THR A 79 -12.02 22.21 -2.10
C THR A 79 -12.99 23.33 -1.80
N SER A 80 -13.10 23.76 -0.53
CA SER A 80 -13.94 24.91 -0.22
C SER A 80 -13.22 26.18 -0.66
N PRO A 81 -13.95 27.21 -1.18
CA PRO A 81 -13.30 28.46 -1.62
C PRO A 81 -12.46 29.15 -0.54
N ALA A 82 -12.84 29.00 0.75
CA ALA A 82 -12.12 29.61 1.86
C ALA A 82 -10.87 28.82 2.25
N LYS A 83 -10.68 27.60 1.65
CA LYS A 83 -9.50 26.75 1.87
C LYS A 83 -9.17 26.58 3.37
N ASP A 84 -10.20 26.44 4.20
CA ASP A 84 -10.02 26.37 5.64
C ASP A 84 -10.64 25.13 6.28
N SER A 85 -11.11 24.19 5.44
CA SER A 85 -11.74 22.95 5.93
C SER A 85 -11.61 21.82 4.91
N LEU A 86 -11.81 20.58 5.36
CA LEU A 86 -11.77 19.41 4.51
C LEU A 86 -13.09 18.66 4.55
N SER A 87 -13.61 18.33 3.38
CA SER A 87 -14.78 17.48 3.28
C SER A 87 -14.26 16.02 3.31
N PHE A 88 -15.18 15.05 3.37
CA PHE A 88 -14.80 13.64 3.30
C PHE A 88 -14.09 13.33 1.97
N GLU A 89 -14.65 13.77 0.85
CA GLU A 89 -14.00 13.59 -0.46
C GLU A 89 -12.59 14.21 -0.51
N ASP A 90 -12.41 15.42 0.07
CA ASP A 90 -11.07 16.04 0.14
C ASP A 90 -10.12 15.18 0.94
N PHE A 91 -10.61 14.62 2.04
CA PHE A 91 -9.84 13.74 2.90
C PHE A 91 -9.45 12.44 2.15
N LEU A 92 -10.34 11.90 1.31
CA LEU A 92 -9.99 10.70 0.53
C LEU A 92 -8.91 11.04 -0.50
N ASP A 93 -8.95 12.26 -1.07
CA ASP A 93 -7.96 12.71 -2.02
C ASP A 93 -6.58 12.77 -1.38
N LEU A 94 -6.52 13.32 -0.16
CA LEU A 94 -5.29 13.42 0.61
C LEU A 94 -4.72 12.00 0.84
N LEU A 95 -5.54 11.09 1.36
CA LEU A 95 -5.09 9.72 1.60
C LEU A 95 -4.64 9.05 0.33
N SER A 96 -5.33 9.31 -0.78
CA SER A 96 -5.01 8.71 -2.08
C SER A 96 -3.61 9.11 -2.54
N VAL A 97 -3.26 10.39 -2.38
CA VAL A 97 -1.94 10.89 -2.78
C VAL A 97 -0.85 10.36 -1.85
N PHE A 98 -1.17 10.21 -0.57
CA PHE A 98 -0.17 9.72 0.37
C PHE A 98 -0.13 8.19 0.47
N SER A 99 -0.92 7.48 -0.34
CA SER A 99 -0.91 6.02 -0.26
C SER A 99 0.31 5.45 -0.98
N ASP A 100 0.71 4.24 -0.59
CA ASP A 100 1.84 3.55 -1.19
C ASP A 100 1.62 3.14 -2.66
N THR A 101 0.39 3.22 -3.14
CA THR A 101 0.04 2.89 -4.52
C THR A 101 0.04 4.11 -5.46
N ALA A 102 0.18 5.33 -4.93
CA ALA A 102 0.20 6.54 -5.77
C ALA A 102 1.47 6.59 -6.63
N THR A 103 1.30 6.91 -7.91
CA THR A 103 2.37 6.92 -8.89
C THR A 103 3.40 8.01 -8.62
N PRO A 104 4.66 7.84 -9.07
CA PRO A 104 5.67 8.91 -8.91
C PRO A 104 5.23 10.25 -9.52
N ASP A 105 4.47 10.22 -10.63
CA ASP A 105 3.99 11.42 -11.31
C ASP A 105 3.04 12.21 -10.42
N ILE A 106 2.09 11.55 -9.78
CA ILE A 106 1.11 12.22 -8.94
C ILE A 106 1.76 12.80 -7.68
N LYS A 107 2.72 12.06 -7.10
CA LYS A 107 3.43 12.53 -5.90
C LYS A 107 4.24 13.81 -6.20
N SER A 108 4.94 13.85 -7.34
CA SER A 108 5.75 15.05 -7.66
C SER A 108 4.85 16.23 -8.07
N HIS A 109 3.70 15.95 -8.67
CA HIS A 109 2.74 16.98 -9.03
C HIS A 109 2.18 17.67 -7.76
N TYR A 110 1.73 16.88 -6.78
CA TYR A 110 1.22 17.41 -5.52
C TYR A 110 2.30 17.98 -4.64
N ALA A 111 3.52 17.44 -4.73
CA ALA A 111 4.66 17.98 -3.98
C ALA A 111 4.92 19.44 -4.47
N PHE A 112 4.85 19.66 -5.80
CA PHE A 112 5.00 20.97 -6.41
C PHE A 112 3.95 21.96 -5.87
N ARG A 113 2.69 21.52 -5.76
CA ARG A 113 1.62 22.33 -5.22
C ARG A 113 1.82 22.65 -3.76
N ILE A 114 2.35 21.71 -2.99
CA ILE A 114 2.60 21.90 -1.56
C ILE A 114 3.73 22.93 -1.34
N PHE A 115 4.83 22.78 -2.13
CA PHE A 115 6.00 23.63 -2.03
C PHE A 115 5.76 25.04 -2.63
N ASP A 116 4.68 25.22 -3.44
CA ASP A 116 4.33 26.53 -4.01
C ASP A 116 3.58 27.34 -2.96
N PHE A 117 4.34 27.98 -2.07
CA PHE A 117 3.77 28.65 -0.91
C PHE A 117 2.82 29.78 -1.24
N ASP A 118 3.11 30.59 -2.27
CA ASP A 118 2.21 31.69 -2.63
C ASP A 118 1.16 31.31 -3.65
N ASP A 119 1.18 30.06 -4.14
CA ASP A 119 0.21 29.52 -5.09
C ASP A 119 0.14 30.29 -6.39
N ASP A 120 1.28 30.54 -7.01
CA ASP A 120 1.33 31.27 -8.28
C ASP A 120 1.86 30.41 -9.44
N GLY A 121 2.08 29.11 -9.21
CA GLY A 121 2.51 28.20 -10.27
C GLY A 121 4.00 28.03 -10.52
N THR A 122 4.86 28.71 -9.77
CA THR A 122 6.30 28.47 -9.87
C THR A 122 6.89 28.51 -8.47
N LEU A 123 8.03 27.86 -8.28
CA LEU A 123 8.78 27.92 -7.04
C LEU A 123 9.89 28.94 -7.24
N ASN A 124 9.83 30.02 -6.46
CA ASN A 124 10.85 31.05 -6.50
C ASN A 124 11.74 30.96 -5.24
N ARG A 125 12.65 31.93 -5.07
CA ARG A 125 13.55 31.99 -3.92
C ARG A 125 12.80 32.04 -2.60
N GLU A 126 11.71 32.79 -2.53
CA GLU A 126 10.89 32.87 -1.30
C GLU A 126 10.25 31.52 -1.00
N ASP A 127 9.73 30.83 -2.02
CA ASP A 127 9.16 29.50 -1.83
C ASP A 127 10.19 28.54 -1.31
N LEU A 128 11.38 28.56 -1.91
CA LEU A 128 12.47 27.67 -1.51
C LEU A 128 12.95 27.98 -0.08
N SER A 129 13.00 29.27 0.29
CA SER A 129 13.37 29.69 1.62
C SER A 129 12.37 29.17 2.66
N ARG A 130 11.07 29.26 2.36
CA ARG A 130 10.04 28.74 3.28
C ARG A 130 10.12 27.23 3.35
N LEU A 131 10.43 26.56 2.22
CA LEU A 131 10.56 25.11 2.22
C LEU A 131 11.76 24.68 3.10
N VAL A 132 12.89 25.37 3.01
CA VAL A 132 14.05 25.03 3.80
C VAL A 132 13.75 25.23 5.29
N ASN A 133 13.11 26.37 5.60
CA ASN A 133 12.71 26.70 6.96
C ASN A 133 11.76 25.61 7.56
N CYS A 134 10.88 25.02 6.74
CA CYS A 134 10.02 23.93 7.16
C CYS A 134 10.86 22.72 7.56
N LEU A 135 11.91 22.43 6.78
CA LEU A 135 12.75 21.26 7.01
C LEU A 135 13.62 21.37 8.25
N THR A 136 14.10 22.56 8.57
CA THR A 136 14.96 22.75 9.72
C THR A 136 14.20 23.02 11.03
N GLY A 137 13.08 23.73 10.95
CA GLY A 137 12.32 24.25 12.09
C GLY A 137 12.35 25.78 12.03
N GLU A 138 11.32 26.43 12.61
CA GLU A 138 11.13 27.90 12.63
C GLU A 138 12.36 28.70 13.08
N GLY A 139 13.10 28.21 14.07
CA GLY A 139 14.32 28.90 14.44
C GLY A 139 14.97 28.71 15.79
N GLU A 140 16.32 28.71 15.77
CA GLU A 140 17.17 28.68 16.96
C GLU A 140 18.07 29.91 16.93
N THR A 142 16.43 24.47 14.23
CA THR A 142 17.68 25.23 14.15
C THR A 142 17.82 25.91 12.79
N ARG A 143 17.34 27.15 12.72
CA ARG A 143 17.27 28.00 11.54
C ARG A 143 18.59 28.19 10.77
N LEU A 144 18.49 28.27 9.44
CA LEU A 144 19.68 28.56 8.64
C LEU A 144 19.99 30.06 8.72
N SER A 145 21.25 30.43 8.66
CA SER A 145 21.61 31.85 8.63
C SER A 145 21.33 32.39 7.21
N ALA A 146 21.35 33.73 7.08
CA ALA A 146 21.11 34.41 5.80
C ALA A 146 22.05 33.92 4.71
N SER A 147 23.34 33.77 5.04
CA SER A 147 24.36 33.32 4.11
C SER A 147 24.19 31.85 3.76
N GLU A 148 23.89 31.01 4.76
CA GLU A 148 23.67 29.57 4.52
C GLU A 148 22.46 29.36 3.59
N MET A 149 21.40 30.13 3.80
CA MET A 149 20.20 30.05 3.01
C MET A 149 20.46 30.47 1.55
N LYS A 150 21.16 31.59 1.36
CA LYS A 150 21.51 32.09 0.03
C LYS A 150 22.32 31.07 -0.73
N GLN A 151 23.32 30.46 -0.08
CA GLN A 151 24.16 29.46 -0.75
C GLN A 151 23.36 28.18 -1.10
N LEU A 152 22.47 27.76 -0.19
CA LEU A 152 21.67 26.58 -0.46
C LEU A 152 20.67 26.84 -1.63
N ILE A 153 19.97 27.97 -1.62
CA ILE A 153 19.00 28.30 -2.67
C ILE A 153 19.69 28.46 -4.03
N ASP A 154 20.85 29.12 -4.08
CA ASP A 154 21.63 29.25 -5.29
C ASP A 154 21.96 27.85 -5.86
N ASN A 155 22.35 26.90 -4.99
CA ASN A 155 22.70 25.54 -5.42
C ASN A 155 21.49 24.78 -5.91
N ILE A 156 20.34 24.94 -5.22
CA ILE A 156 19.08 24.30 -5.64
C ILE A 156 18.69 24.80 -7.04
N LEU A 157 18.78 26.12 -7.24
CA LEU A 157 18.44 26.74 -8.54
C LEU A 157 19.40 26.32 -9.62
N GLU A 158 20.67 26.16 -9.27
CA GLU A 158 21.68 25.77 -10.23
C GLU A 158 21.36 24.37 -10.80
N GLU A 159 20.82 23.48 -9.99
CA GLU A 159 20.49 22.16 -10.45
C GLU A 159 19.12 22.01 -11.08
N SER A 160 18.16 22.85 -10.72
CA SER A 160 16.76 22.69 -11.09
C SER A 160 16.19 23.64 -12.13
N ASP A 161 16.68 24.87 -12.15
CA ASP A 161 16.14 25.93 -13.01
C ASP A 161 16.82 25.90 -14.37
N ILE A 162 16.34 25.01 -15.24
CA ILE A 162 16.94 24.81 -16.54
C ILE A 162 16.94 26.07 -17.43
N ASP A 163 15.83 26.81 -17.49
CA ASP A 163 15.79 27.98 -18.36
C ASP A 163 16.41 29.20 -17.73
N ARG A 164 16.87 29.10 -16.47
CA ARG A 164 17.61 30.15 -15.79
C ARG A 164 16.83 31.46 -15.61
N ASP A 165 15.50 31.38 -15.53
CA ASP A 165 14.68 32.56 -15.31
C ASP A 165 14.47 32.89 -13.80
N GLY A 166 15.11 32.13 -12.93
CA GLY A 166 15.04 32.35 -11.49
C GLY A 166 14.00 31.55 -10.74
N THR A 167 13.09 30.87 -11.45
CA THR A 167 12.03 30.11 -10.82
C THR A 167 11.98 28.68 -11.34
N ILE A 168 11.29 27.81 -10.61
CA ILE A 168 11.14 26.41 -11.01
C ILE A 168 9.68 26.19 -11.28
N ASN A 169 9.37 25.87 -12.51
CA ASN A 169 8.01 25.58 -12.92
C ASN A 169 7.80 24.06 -12.74
N LEU A 170 6.60 23.55 -13.10
CA LEU A 170 6.25 22.15 -12.88
C LEU A 170 7.08 21.17 -13.67
N SER A 171 7.26 21.42 -14.97
CA SER A 171 8.02 20.49 -15.79
C SER A 171 9.47 20.43 -15.33
N GLU A 172 10.06 21.57 -14.96
CA GLU A 172 11.40 21.59 -14.40
C GLU A 172 11.44 20.77 -13.10
N PHE A 173 10.46 20.96 -12.24
CA PHE A 173 10.37 20.23 -10.99
C PHE A 173 10.19 18.71 -11.20
N GLN A 174 9.21 18.29 -12.03
CA GLN A 174 8.99 16.86 -12.28
C GLN A 174 10.24 16.22 -12.89
N HIS A 175 10.95 16.94 -13.76
CA HIS A 175 12.20 16.48 -14.35
C HIS A 175 13.28 16.29 -13.29
N VAL A 176 13.49 17.29 -12.43
CA VAL A 176 14.55 17.17 -11.43
C VAL A 176 14.26 16.03 -10.44
N ILE A 177 12.99 15.84 -10.06
CA ILE A 177 12.59 14.75 -9.15
C ILE A 177 12.86 13.41 -9.81
N SER A 178 12.47 13.25 -11.08
CA SER A 178 12.64 11.99 -11.82
C SER A 178 14.10 11.58 -11.95
N ARG A 179 15.02 12.53 -11.87
CA ARG A 179 16.45 12.25 -11.94
C ARG A 179 17.07 11.97 -10.56
N SER A 180 16.28 12.14 -9.48
CA SER A 180 16.76 11.92 -8.12
C SER A 180 16.54 10.46 -7.73
N PRO A 181 17.27 9.97 -6.70
CA PRO A 181 17.03 8.59 -6.22
C PRO A 181 15.58 8.36 -5.78
N ASP A 182 15.12 7.11 -5.79
CA ASP A 182 13.75 6.80 -5.38
C ASP A 182 13.64 6.88 -3.87
N PHE A 183 12.96 7.92 -3.39
CA PHE A 183 12.75 8.20 -1.98
C PHE A 183 11.90 7.15 -1.28
N ALA A 184 11.32 6.17 -2.04
CA ALA A 184 10.51 5.00 -1.59
C ALA A 184 10.36 4.83 -0.08
N PHE B 21 8.43 -4.39 -3.05
CA PHE B 21 7.03 -4.43 -2.62
C PHE B 21 6.77 -3.96 -1.20
N LEU B 22 7.83 -3.91 -0.40
CA LEU B 22 7.73 -3.47 0.98
C LEU B 22 8.61 -2.28 1.20
N THR B 23 8.10 -1.32 1.95
CA THR B 23 8.90 -0.15 2.32
C THR B 23 9.87 -0.57 3.43
N LYS B 24 10.80 0.32 3.77
CA LYS B 24 11.74 0.06 4.85
C LYS B 24 10.96 -0.02 6.18
N GLN B 25 9.93 0.85 6.37
CA GLN B 25 9.11 0.83 7.60
C GLN B 25 8.39 -0.49 7.75
N GLU B 26 7.88 -1.05 6.63
CA GLU B 26 7.24 -2.34 6.63
C GLU B 26 8.24 -3.45 6.97
N ILE B 27 9.48 -3.39 6.43
CA ILE B 27 10.48 -4.41 6.73
C ILE B 27 10.88 -4.37 8.22
N LEU B 28 11.12 -3.16 8.76
CA LEU B 28 11.50 -3.01 10.16
C LEU B 28 10.38 -3.41 11.11
N LEU B 29 9.13 -3.11 10.73
CA LEU B 29 7.98 -3.52 11.54
C LEU B 29 7.85 -5.04 11.48
N ALA B 30 8.08 -5.64 10.31
CA ALA B 30 8.00 -7.08 10.15
C ALA B 30 9.01 -7.79 11.06
N HIS B 31 10.24 -7.24 11.18
CA HIS B 31 11.24 -7.85 12.03
C HIS B 31 10.87 -7.78 13.50
N ARG B 32 10.29 -6.66 13.92
CA ARG B 32 9.82 -6.58 15.32
C ARG B 32 8.69 -7.60 15.60
N ARG B 33 7.74 -7.74 14.69
CA ARG B 33 6.65 -8.68 14.87
C ARG B 33 7.17 -10.12 14.84
N PHE B 34 8.09 -10.42 13.92
CA PHE B 34 8.67 -11.73 13.79
C PHE B 34 9.34 -12.14 15.11
N CYS B 35 10.14 -11.22 15.68
CA CYS B 35 10.86 -11.43 16.93
C CYS B 35 9.96 -11.74 18.10
N GLU B 36 8.78 -11.14 18.17
CA GLU B 36 7.80 -11.40 19.24
C GLU B 36 7.31 -12.87 19.20
N LEU B 37 7.51 -13.55 18.06
CA LEU B 37 7.11 -14.96 17.92
C LEU B 37 8.20 -15.91 18.41
N LEU B 38 9.41 -15.40 18.62
CA LEU B 38 10.54 -16.22 19.03
C LEU B 38 10.71 -16.31 20.51
N PRO B 39 11.29 -17.43 21.00
CA PRO B 39 11.69 -17.47 22.42
C PRO B 39 12.67 -16.33 22.71
N GLN B 40 12.63 -15.81 23.94
CA GLN B 40 13.47 -14.69 24.38
C GLN B 40 14.96 -14.87 24.02
N GLU B 41 15.46 -16.10 24.13
CA GLU B 41 16.84 -16.47 23.84
C GLU B 41 17.20 -16.37 22.35
N GLN B 42 16.22 -16.31 21.45
CA GLN B 42 16.49 -16.22 20.02
C GLN B 42 16.18 -14.85 19.42
N ARG B 43 16.02 -13.82 20.25
CA ARG B 43 15.61 -12.49 19.79
C ARG B 43 16.74 -11.54 19.41
N SER B 44 18.00 -11.96 19.51
CA SER B 44 19.08 -11.12 19.00
C SER B 44 18.94 -11.14 17.46
N VAL B 45 19.47 -10.13 16.80
CA VAL B 45 19.35 -10.05 15.35
C VAL B 45 19.87 -11.32 14.64
N GLU B 46 21.09 -11.74 14.97
CA GLU B 46 21.69 -12.93 14.32
C GLU B 46 20.85 -14.20 14.55
N SER B 47 20.43 -14.42 15.80
CA SER B 47 19.58 -15.57 16.08
C SER B 47 18.23 -15.48 15.34
N SER B 48 17.63 -14.28 15.26
CA SER B 48 16.36 -14.07 14.55
C SER B 48 16.45 -14.34 13.08
N LEU B 49 17.61 -14.05 12.47
CA LEU B 49 17.78 -14.29 11.04
C LEU B 49 18.06 -15.75 10.70
N ARG B 50 18.36 -16.57 11.72
CA ARG B 50 18.57 -18.01 11.55
C ARG B 50 17.28 -18.80 11.99
N ALA B 51 16.37 -18.17 12.75
CA ALA B 51 15.19 -18.81 13.31
C ALA B 51 14.14 -19.28 12.31
N GLN B 52 13.46 -20.38 12.68
CA GLN B 52 12.36 -20.97 11.93
C GLN B 52 11.14 -20.97 12.83
N VAL B 53 10.10 -20.21 12.45
CA VAL B 53 8.87 -20.14 13.21
C VAL B 53 7.89 -21.24 12.71
N PRO B 54 7.45 -22.18 13.57
CA PRO B 54 6.50 -23.22 13.12
C PRO B 54 5.19 -22.62 12.64
N PHE B 55 4.48 -23.35 11.81
CA PHE B 55 3.22 -22.87 11.23
C PHE B 55 2.19 -22.49 12.27
N GLU B 56 2.12 -23.24 13.39
CA GLU B 56 1.12 -22.97 14.43
C GLU B 56 1.11 -21.52 14.89
N GLN B 57 2.30 -20.90 15.00
CA GLN B 57 2.39 -19.49 15.39
C GLN B 57 2.06 -18.57 14.24
N ILE B 58 2.40 -18.96 13.02
CA ILE B 58 2.08 -18.15 11.85
C ILE B 58 0.59 -18.13 11.54
N LEU B 59 -0.08 -19.29 11.68
CA LEU B 59 -1.51 -19.40 11.38
C LEU B 59 -2.40 -18.57 12.29
N SER B 60 -1.86 -18.04 13.40
CA SER B 60 -2.63 -17.23 14.34
C SER B 60 -2.46 -15.74 14.10
N LEU B 61 -1.58 -15.36 13.17
CA LEU B 61 -1.36 -13.95 12.85
C LEU B 61 -2.59 -13.34 12.23
N PRO B 62 -2.88 -12.06 12.55
CA PRO B 62 -4.07 -11.39 11.98
C PRO B 62 -4.19 -11.44 10.47
N GLU B 63 -3.06 -11.37 9.75
CA GLU B 63 -3.02 -11.44 8.29
C GLU B 63 -3.48 -12.79 7.76
N LEU B 64 -3.38 -13.87 8.54
CA LEU B 64 -3.72 -15.21 8.05
C LEU B 64 -4.84 -15.93 8.77
N LYS B 65 -5.08 -15.59 10.03
CA LYS B 65 -6.02 -16.38 10.83
C LYS B 65 -7.41 -16.54 10.20
N ALA B 66 -7.87 -15.50 9.50
CA ALA B 66 -9.19 -15.53 8.87
C ALA B 66 -9.12 -15.97 7.40
N ASN B 67 -7.93 -16.34 6.91
CA ASN B 67 -7.80 -16.77 5.54
C ASN B 67 -8.12 -18.25 5.34
N PRO B 68 -9.06 -18.60 4.43
CA PRO B 68 -9.40 -20.02 4.21
C PRO B 68 -8.25 -20.90 3.72
N PHE B 69 -7.25 -20.29 3.08
CA PHE B 69 -6.11 -21.03 2.53
C PHE B 69 -4.86 -20.89 3.36
N LYS B 70 -4.97 -20.43 4.60
CA LYS B 70 -3.81 -20.17 5.45
C LYS B 70 -2.80 -21.33 5.49
N GLU B 71 -3.29 -22.55 5.54
CA GLU B 71 -2.43 -23.74 5.56
C GLU B 71 -1.66 -23.94 4.25
N ARG B 72 -2.31 -23.68 3.10
CA ARG B 72 -1.64 -23.71 1.82
C ARG B 72 -0.69 -22.53 1.66
N ILE B 73 -1.01 -21.38 2.27
CA ILE B 73 -0.16 -20.21 2.15
C ILE B 73 1.18 -20.46 2.84
N CYS B 74 1.17 -21.07 4.03
CA CYS B 74 2.39 -21.40 4.79
C CYS B 74 3.28 -22.32 4.02
N ARG B 75 2.70 -23.38 3.47
CA ARG B 75 3.40 -24.37 2.68
C ARG B 75 4.11 -23.71 1.49
N VAL B 76 3.41 -22.84 0.75
CA VAL B 76 3.95 -22.21 -0.46
C VAL B 76 5.12 -21.27 -0.15
N PHE B 77 5.08 -20.57 0.97
CA PHE B 77 6.13 -19.62 1.29
C PHE B 77 7.26 -20.19 2.11
N SER B 78 7.14 -21.45 2.56
CA SER B 78 8.22 -22.07 3.32
C SER B 78 9.35 -22.45 2.37
N THR B 79 10.59 -22.16 2.79
CA THR B 79 11.78 -22.53 2.04
C THR B 79 12.55 -23.67 2.71
N SER B 80 12.06 -24.12 3.90
CA SER B 80 12.68 -25.24 4.61
C SER B 80 12.35 -26.57 3.93
N PRO B 81 13.30 -27.53 3.87
CA PRO B 81 13.01 -28.82 3.20
C PRO B 81 11.76 -29.55 3.71
N ALA B 82 11.50 -29.47 5.02
CA ALA B 82 10.34 -30.08 5.63
C ALA B 82 9.06 -29.24 5.43
N LYS B 83 9.19 -28.01 4.91
CA LYS B 83 8.05 -27.13 4.60
C LYS B 83 7.06 -27.05 5.78
N ASP B 84 7.61 -26.96 6.98
CA ASP B 84 6.81 -26.91 8.19
C ASP B 84 7.09 -25.67 9.04
N SER B 85 7.89 -24.72 8.53
CA SER B 85 8.23 -23.49 9.25
C SER B 85 8.56 -22.33 8.29
N LEU B 86 8.55 -21.12 8.83
CA LEU B 86 8.87 -19.93 8.08
C LEU B 86 10.08 -19.21 8.69
N SER B 87 11.04 -18.87 7.85
CA SER B 87 12.14 -18.02 8.27
C SER B 87 11.66 -16.55 8.18
N PHE B 88 12.48 -15.61 8.66
CA PHE B 88 12.17 -14.20 8.52
C PHE B 88 12.05 -13.81 7.04
N GLU B 89 12.98 -14.23 6.22
CA GLU B 89 12.92 -13.95 4.77
C GLU B 89 11.66 -14.53 4.13
N ASP B 90 11.25 -15.77 4.51
CA ASP B 90 10.01 -16.38 4.00
C ASP B 90 8.80 -15.55 4.40
N PHE B 91 8.83 -15.02 5.61
CA PHE B 91 7.79 -14.15 6.14
C PHE B 91 7.71 -12.83 5.37
N LEU B 92 8.86 -12.26 4.97
CA LEU B 92 8.85 -11.03 4.17
C LEU B 92 8.25 -11.29 2.80
N ASP B 93 8.52 -12.47 2.22
CA ASP B 93 7.98 -12.87 0.92
C ASP B 93 6.47 -12.94 0.96
N LEU B 94 5.94 -13.58 1.99
CA LEU B 94 4.50 -13.69 2.20
C LEU B 94 3.88 -12.28 2.27
N LEU B 95 4.42 -11.40 3.12
CA LEU B 95 3.91 -10.04 3.25
C LEU B 95 3.98 -9.28 1.95
N SER B 96 5.08 -9.46 1.21
CA SER B 96 5.29 -8.80 -0.08
C SER B 96 4.19 -9.18 -1.10
N VAL B 97 3.84 -10.47 -1.17
CA VAL B 97 2.80 -10.93 -2.10
C VAL B 97 1.42 -10.45 -1.68
N PHE B 98 1.18 -10.35 -0.38
CA PHE B 98 -0.12 -9.91 0.10
C PHE B 98 -0.21 -8.39 0.25
N SER B 99 0.86 -7.66 -0.10
CA SER B 99 0.81 -6.20 0.03
C SER B 99 -0.02 -5.58 -1.08
N ASP B 100 -0.55 -4.39 -0.81
CA ASP B 100 -1.35 -3.65 -1.80
C ASP B 100 -0.56 -3.19 -3.02
N THR B 101 0.78 -3.23 -2.95
CA THR B 101 1.66 -2.86 -4.05
C THR B 101 2.03 -4.02 -4.99
N ALA B 102 1.72 -5.26 -4.62
CA ALA B 102 2.05 -6.43 -5.45
C ALA B 102 1.24 -6.44 -6.74
N THR B 103 1.92 -6.70 -7.86
CA THR B 103 1.34 -6.65 -9.19
C THR B 103 0.29 -7.75 -9.42
N PRO B 104 -0.70 -7.52 -10.31
CA PRO B 104 -1.67 -8.59 -10.62
C PRO B 104 -1.00 -9.90 -11.10
N ASP B 105 0.14 -9.81 -11.81
CA ASP B 105 0.86 -10.96 -12.30
C ASP B 105 1.40 -11.81 -11.13
N ILE B 106 2.03 -11.19 -10.14
CA ILE B 106 2.59 -11.93 -8.96
C ILE B 106 1.44 -12.57 -8.16
N LYS B 107 0.35 -11.85 -7.97
CA LYS B 107 -0.78 -12.38 -7.20
C LYS B 107 -1.40 -13.63 -7.86
N SER B 108 -1.56 -13.60 -9.19
CA SER B 108 -2.14 -14.76 -9.87
C SER B 108 -1.18 -15.93 -9.94
N HIS B 109 0.13 -15.63 -9.99
CA HIS B 109 1.18 -16.65 -9.99
C HIS B 109 1.17 -17.42 -8.65
N TYR B 110 1.13 -16.70 -7.54
CA TYR B 110 1.12 -17.30 -6.21
C TYR B 110 -0.22 -17.95 -5.89
N ALA B 111 -1.35 -17.41 -6.41
CA ALA B 111 -2.66 -18.09 -6.23
C ALA B 111 -2.60 -19.46 -6.91
N PHE B 112 -2.05 -19.53 -8.12
CA PHE B 112 -1.90 -20.80 -8.84
C PHE B 112 -1.14 -21.82 -8.01
N ARG B 113 -0.04 -21.38 -7.40
CA ARG B 113 0.75 -22.25 -6.52
C ARG B 113 -0.05 -22.69 -5.28
N ILE B 114 -0.89 -21.78 -4.75
CA ILE B 114 -1.73 -22.09 -3.59
C ILE B 114 -2.81 -23.09 -3.93
N PHE B 115 -3.50 -22.89 -5.06
CA PHE B 115 -4.60 -23.74 -5.49
C PHE B 115 -4.14 -25.10 -6.04
N ASP B 116 -2.84 -25.24 -6.39
CA ASP B 116 -2.31 -26.52 -6.86
C ASP B 116 -2.01 -27.39 -5.63
N PHE B 117 -3.03 -28.04 -5.13
CA PHE B 117 -2.95 -28.79 -3.87
C PHE B 117 -1.95 -29.92 -3.89
N ASP B 118 -1.81 -30.66 -5.00
CA ASP B 118 -0.87 -31.77 -5.08
C ASP B 118 0.50 -31.35 -5.57
N ASP B 119 0.68 -30.07 -5.94
CA ASP B 119 1.96 -29.50 -6.39
C ASP B 119 2.54 -30.18 -7.60
N ASP B 120 1.74 -30.36 -8.64
CA ASP B 120 2.21 -30.99 -9.87
C ASP B 120 2.20 -30.05 -11.10
N GLY B 121 1.91 -28.78 -10.90
CA GLY B 121 1.89 -27.78 -11.97
C GLY B 121 0.61 -27.60 -12.77
N THR B 122 -0.49 -28.25 -12.37
CA THR B 122 -1.78 -28.13 -13.05
C THR B 122 -2.91 -28.23 -12.05
N LEU B 123 -4.05 -27.62 -12.36
CA LEU B 123 -5.25 -27.70 -11.52
C LEU B 123 -6.15 -28.67 -12.19
N ASN B 124 -6.45 -29.77 -11.54
CA ASN B 124 -7.36 -30.77 -12.07
C ASN B 124 -8.66 -30.77 -11.19
N ARG B 125 -9.54 -31.72 -11.43
CA ARG B 125 -10.81 -31.84 -10.72
C ARG B 125 -10.61 -32.00 -9.23
N GLU B 126 -9.63 -32.79 -8.81
CA GLU B 126 -9.37 -32.98 -7.39
C GLU B 126 -8.92 -31.70 -6.73
N ASP B 127 -8.05 -30.95 -7.37
CA ASP B 127 -7.59 -29.66 -6.83
C ASP B 127 -8.79 -28.71 -6.70
N LEU B 128 -9.62 -28.62 -7.75
CA LEU B 128 -10.78 -27.75 -7.72
C LEU B 128 -11.80 -28.13 -6.64
N SER B 129 -11.96 -29.43 -6.42
CA SER B 129 -12.82 -29.98 -5.37
C SER B 129 -12.30 -29.54 -3.97
N ARG B 130 -10.97 -29.62 -3.74
CA ARG B 130 -10.38 -29.17 -2.48
C ARG B 130 -10.52 -27.66 -2.33
N LEU B 131 -10.36 -26.90 -3.41
CA LEU B 131 -10.52 -25.46 -3.38
C LEU B 131 -11.96 -25.07 -2.99
N VAL B 132 -12.95 -25.76 -3.55
CA VAL B 132 -14.34 -25.48 -3.21
C VAL B 132 -14.62 -25.82 -1.74
N ASN B 133 -14.13 -26.97 -1.26
CA ASN B 133 -14.28 -27.35 0.15
C ASN B 133 -13.67 -26.32 1.07
N CYS B 134 -12.53 -25.72 0.69
CA CYS B 134 -11.92 -24.65 1.49
C CYS B 134 -12.90 -23.49 1.63
N LEU B 135 -13.57 -23.12 0.54
CA LEU B 135 -14.49 -22.00 0.51
C LEU B 135 -15.77 -22.22 1.31
N THR B 136 -16.30 -23.44 1.29
CA THR B 136 -17.57 -23.73 1.93
C THR B 136 -17.45 -24.22 3.37
N GLY B 137 -16.38 -24.95 3.66
CA GLY B 137 -16.15 -25.65 4.91
C GLY B 137 -16.25 -27.16 4.70
N GLU B 138 -15.57 -27.95 5.55
CA GLU B 138 -15.56 -29.41 5.45
C GLU B 138 -16.90 -30.06 5.76
N GLY B 139 -17.66 -29.47 6.68
CA GLY B 139 -19.01 -29.88 7.06
C GLY B 139 -19.31 -31.37 7.15
N THR B 142 -22.00 -27.93 5.50
CA THR B 142 -21.30 -26.93 4.71
C THR B 142 -21.01 -27.41 3.30
N ARG B 143 -20.39 -28.60 3.18
CA ARG B 143 -19.94 -29.19 1.92
C ARG B 143 -21.06 -29.34 0.90
N LEU B 144 -20.68 -29.15 -0.36
CA LEU B 144 -21.56 -29.32 -1.50
C LEU B 144 -21.85 -30.80 -1.68
N SER B 145 -23.00 -31.12 -2.29
CA SER B 145 -23.31 -32.50 -2.61
C SER B 145 -22.50 -32.91 -3.85
N ALA B 146 -22.44 -34.22 -4.13
CA ALA B 146 -21.73 -34.77 -5.28
C ALA B 146 -22.16 -34.12 -6.60
N SER B 147 -23.48 -33.94 -6.79
CA SER B 147 -24.00 -33.35 -8.00
C SER B 147 -23.69 -31.86 -8.09
N GLU B 148 -23.79 -31.12 -6.97
CA GLU B 148 -23.49 -29.69 -6.96
C GLU B 148 -22.00 -29.47 -7.27
N MET B 149 -21.13 -30.31 -6.73
CA MET B 149 -19.70 -30.20 -6.93
C MET B 149 -19.35 -30.49 -8.41
N LYS B 150 -19.94 -31.56 -8.97
CA LYS B 150 -19.72 -31.92 -10.36
C LYS B 150 -20.13 -30.79 -11.28
N GLN B 151 -21.28 -30.18 -11.05
CA GLN B 151 -21.75 -29.09 -11.90
C GLN B 151 -20.85 -27.84 -11.76
N LEU B 152 -20.41 -27.54 -10.53
CA LEU B 152 -19.53 -26.39 -10.32
C LEU B 152 -18.15 -26.59 -11.02
N ILE B 153 -17.54 -27.77 -10.84
CA ILE B 153 -16.24 -28.05 -11.43
C ILE B 153 -16.30 -28.07 -12.95
N ASP B 154 -17.35 -28.68 -13.52
CA ASP B 154 -17.57 -28.67 -14.96
C ASP B 154 -17.61 -27.23 -15.49
N ASN B 155 -18.33 -26.32 -14.79
CA ASN B 155 -18.42 -24.93 -15.20
C ASN B 155 -17.10 -24.20 -15.10
N ILE B 156 -16.34 -24.45 -14.02
CA ILE B 156 -15.03 -23.85 -13.85
C ILE B 156 -14.09 -24.30 -14.98
N LEU B 157 -14.10 -25.59 -15.30
CA LEU B 157 -13.27 -26.13 -16.36
C LEU B 157 -13.68 -25.63 -17.72
N GLU B 158 -15.00 -25.45 -17.94
CA GLU B 158 -15.52 -24.96 -19.20
C GLU B 158 -14.95 -23.57 -19.48
N GLU B 159 -14.79 -22.75 -18.44
CA GLU B 159 -14.30 -21.40 -18.62
C GLU B 159 -12.80 -21.24 -18.58
N SER B 160 -12.09 -22.14 -17.89
CA SER B 160 -10.68 -21.97 -17.58
C SER B 160 -9.71 -22.83 -18.33
N ASP B 161 -10.14 -24.00 -18.77
CA ASP B 161 -9.26 -24.88 -19.52
C ASP B 161 -9.39 -24.51 -21.00
N ILE B 162 -8.64 -23.52 -21.39
CA ILE B 162 -8.71 -22.96 -22.73
C ILE B 162 -8.28 -23.98 -23.80
N ASP B 163 -7.19 -24.74 -23.59
CA ASP B 163 -6.79 -25.68 -24.64
C ASP B 163 -7.60 -26.99 -24.62
N ARG B 164 -8.53 -27.10 -23.70
CA ARG B 164 -9.47 -28.22 -23.57
C ARG B 164 -8.81 -29.58 -23.30
N ASP B 165 -7.62 -29.61 -22.69
CA ASP B 165 -6.93 -30.85 -22.35
C ASP B 165 -7.35 -31.46 -20.98
N GLY B 166 -8.33 -30.85 -20.32
CA GLY B 166 -8.86 -31.32 -19.04
C GLY B 166 -8.30 -30.66 -17.80
N THR B 167 -7.17 -29.94 -17.92
CA THR B 167 -6.51 -29.31 -16.78
C THR B 167 -6.20 -27.84 -17.01
N ILE B 168 -5.92 -27.11 -15.96
CA ILE B 168 -5.57 -25.70 -16.01
C ILE B 168 -4.08 -25.56 -15.69
N ASN B 169 -3.30 -25.06 -16.66
CA ASN B 169 -1.88 -24.79 -16.42
C ASN B 169 -1.75 -23.32 -16.01
N LEU B 170 -0.53 -22.85 -15.76
CA LEU B 170 -0.30 -21.48 -15.26
C LEU B 170 -0.70 -20.40 -16.24
N SER B 171 -0.28 -20.51 -17.52
CA SER B 171 -0.61 -19.48 -18.48
C SER B 171 -2.09 -19.38 -18.70
N GLU B 172 -2.77 -20.51 -18.73
CA GLU B 172 -4.23 -20.47 -18.85
C GLU B 172 -4.84 -19.77 -17.63
N PHE B 173 -4.38 -20.15 -16.43
CA PHE B 173 -4.86 -19.56 -15.19
C PHE B 173 -4.60 -18.04 -15.16
N GLN B 174 -3.37 -17.60 -15.46
CA GLN B 174 -3.07 -16.15 -15.43
C GLN B 174 -3.94 -15.38 -16.42
N HIS B 175 -4.15 -15.96 -17.60
CA HIS B 175 -5.02 -15.35 -18.59
C HIS B 175 -6.47 -15.25 -18.09
N VAL B 176 -7.01 -16.33 -17.55
CA VAL B 176 -8.40 -16.36 -17.07
C VAL B 176 -8.59 -15.34 -15.95
N ILE B 177 -7.64 -15.24 -15.01
CA ILE B 177 -7.69 -14.26 -13.90
C ILE B 177 -7.72 -12.84 -14.43
N SER B 178 -6.84 -12.52 -15.39
CA SER B 178 -6.76 -11.18 -15.96
C SER B 178 -8.07 -10.76 -16.65
N ARG B 179 -8.90 -11.74 -17.05
CA ARG B 179 -10.17 -11.46 -17.69
C ARG B 179 -11.35 -11.50 -16.71
N SER B 180 -11.07 -11.68 -15.42
CA SER B 180 -12.07 -11.70 -14.37
C SER B 180 -12.19 -10.28 -13.81
N PRO B 181 -13.29 -9.95 -13.10
CA PRO B 181 -13.41 -8.62 -12.48
C PRO B 181 -12.22 -8.23 -11.62
N ASP B 182 -11.96 -6.91 -11.57
CA ASP B 182 -10.84 -6.32 -10.87
C ASP B 182 -10.96 -6.45 -9.37
N PHE B 183 -10.11 -7.31 -8.80
CA PHE B 183 -9.96 -7.57 -7.36
C PHE B 183 -11.25 -7.91 -6.64
N SER C 1 21.50 15.11 -2.39
CA SER C 1 20.39 15.64 -3.17
C SER C 1 19.34 16.22 -2.25
N PHE C 2 19.19 17.56 -2.33
CA PHE C 2 18.23 18.30 -1.54
C PHE C 2 16.81 17.79 -1.74
N TRP C 3 16.44 17.52 -3.00
CA TRP C 3 15.10 17.13 -3.33
C TRP C 3 14.73 15.76 -2.78
N TYR C 4 15.69 14.87 -2.64
CA TYR C 4 15.46 13.54 -2.05
C TYR C 4 15.03 13.71 -0.61
N GLY C 5 15.75 14.53 0.13
CA GLY C 5 15.43 14.83 1.52
C GLY C 5 14.08 15.49 1.70
N ALA C 6 13.73 16.42 0.81
CA ALA C 6 12.44 17.15 0.93
C ALA C 6 11.26 16.24 0.60
N MET C 7 11.43 15.32 -0.37
CA MET C 7 10.35 14.37 -0.70
C MET C 7 10.23 13.33 0.38
N LYS C 8 11.34 12.92 0.98
CA LYS C 8 11.31 11.96 2.08
C LYS C 8 10.60 12.59 3.28
N ALA C 9 10.89 13.89 3.59
CA ALA C 9 10.18 14.59 4.66
C ALA C 9 8.67 14.67 4.39
N LEU C 10 8.26 14.80 3.12
CA LEU C 10 6.86 14.95 2.81
C LEU C 10 6.13 13.63 2.76
N TYR C 11 6.67 12.64 2.05
CA TYR C 11 5.99 11.36 1.84
C TYR C 11 6.46 10.20 2.72
N GLY C 12 7.58 10.34 3.43
CA GLY C 12 8.07 9.30 4.31
C GLY C 12 7.31 9.23 5.62
N SER D 1 -18.74 -14.97 -11.26
CA SER D 1 -17.40 -15.46 -11.63
C SER D 1 -16.76 -16.12 -10.44
N PHE D 2 -16.57 -17.43 -10.56
CA PHE D 2 -15.99 -18.26 -9.53
C PHE D 2 -14.61 -17.76 -9.11
N TRP D 3 -13.78 -17.39 -10.11
CA TRP D 3 -12.42 -16.99 -9.82
C TRP D 3 -12.34 -15.68 -9.08
N TYR D 4 -13.28 -14.77 -9.30
CA TYR D 4 -13.33 -13.51 -8.60
C TYR D 4 -13.55 -13.76 -7.11
N GLY D 5 -14.48 -14.63 -6.78
CA GLY D 5 -14.76 -15.00 -5.41
C GLY D 5 -13.58 -15.67 -4.74
N ALA D 6 -12.88 -16.57 -5.45
CA ALA D 6 -11.73 -17.32 -4.88
C ALA D 6 -10.54 -16.41 -4.65
N MET D 7 -10.33 -15.43 -5.55
CA MET D 7 -9.23 -14.49 -5.37
C MET D 7 -9.55 -13.48 -4.27
N LYS D 8 -10.85 -13.12 -4.09
CA LYS D 8 -11.26 -12.22 -3.01
C LYS D 8 -11.05 -12.95 -1.69
N ALA D 9 -11.38 -14.25 -1.61
CA ALA D 9 -11.17 -15.04 -0.40
C ALA D 9 -9.68 -15.13 -0.06
N LEU D 10 -8.81 -15.15 -1.08
CA LEU D 10 -7.39 -15.30 -0.80
C LEU D 10 -6.72 -13.98 -0.46
N TYR D 11 -6.99 -12.94 -1.25
CA TYR D 11 -6.29 -11.66 -1.09
C TYR D 11 -7.09 -10.56 -0.40
N GLY D 12 -8.38 -10.78 -0.14
CA GLY D 12 -9.24 -9.79 0.49
C GLY D 12 -9.71 -8.78 -0.53
#